data_6TS3
#
_entry.id   6TS3
#
_cell.length_a   43.355
_cell.length_b   47.270
_cell.length_c   47.472
_cell.angle_alpha   90.000
_cell.angle_beta   110.532
_cell.angle_gamma   90.000
#
_symmetry.space_group_name_H-M   'P 1 21 1'
#
loop_
_entity.id
_entity.type
_entity.pdbx_description
1 polymer Alpha-actinin-2
2 polymer ACE-ASN-ALA-ARG-ARG-LYS-LEU-LYS-GLY-ALA-ILE-LEU-THR-THR-MET-LEU-ALA-THR-ARG-ASN-PHE
3 non-polymer 'ACETYL GROUP'
4 water water
#
loop_
_entity_poly.entity_id
_entity_poly.type
_entity_poly.pdbx_seq_one_letter_code
_entity_poly.pdbx_strand_id
1 'polypeptide(L)' SNATDTAEQVIASFRILASDKPYILAEELRRELPPDQAQYCIKRMPAYSGPGSVPGALDYAAFSSALYGESDL A,B
2 'polypeptide(L)' NARRKLKGAILTTMLATRNFSG C,D
#
loop_
_chem_comp.id
_chem_comp.type
_chem_comp.name
_chem_comp.formula
ACE non-polymer 'ACETYL GROUP' 'C2 H4 O'
#
# COMPACT_ATOMS: atom_id res chain seq x y z
N SER A 1 7.04 -12.63 -1.47
CA SER A 1 7.41 -11.58 -2.41
C SER A 1 6.87 -10.23 -1.94
N ASN A 2 7.41 -9.14 -2.51
CA ASN A 2 6.98 -7.81 -2.10
C ASN A 2 5.52 -7.59 -2.41
N ALA A 3 5.05 -8.08 -3.57
CA ALA A 3 3.64 -7.94 -3.90
C ALA A 3 2.76 -8.65 -2.88
N THR A 4 3.13 -9.87 -2.50
N THR A 4 3.15 -9.87 -2.47
CA THR A 4 2.35 -10.59 -1.50
CA THR A 4 2.34 -10.60 -1.49
C THR A 4 2.31 -9.83 -0.18
C THR A 4 2.36 -9.93 -0.12
N ASP A 5 3.45 -9.24 0.22
CA ASP A 5 3.49 -8.50 1.48
C ASP A 5 2.50 -7.34 1.45
N THR A 6 2.45 -6.62 0.34
CA THR A 6 1.50 -5.52 0.23
C THR A 6 0.07 -6.05 0.25
N ALA A 7 -0.21 -7.11 -0.52
CA ALA A 7 -1.56 -7.65 -0.53
C ALA A 7 -1.99 -8.08 0.87
N GLU A 8 -1.08 -8.70 1.64
N GLU A 8 -1.06 -8.62 1.67
CA GLU A 8 -1.44 -9.15 2.98
CA GLU A 8 -1.41 -9.07 3.01
C GLU A 8 -1.83 -7.98 3.87
C GLU A 8 -1.67 -7.91 3.97
N GLN A 9 -1.14 -6.84 3.73
N GLN A 9 -1.07 -6.74 3.72
CA GLN A 9 -1.51 -5.67 4.52
CA GLN A 9 -1.47 -5.55 4.45
C GLN A 9 -2.92 -5.18 4.14
C GLN A 9 -2.91 -5.19 4.14
N VAL A 10 -3.25 -5.22 2.85
CA VAL A 10 -4.60 -4.86 2.43
C VAL A 10 -5.60 -5.87 2.98
N ILE A 11 -5.28 -7.16 2.92
CA ILE A 11 -6.15 -8.19 3.47
C ILE A 11 -6.41 -7.93 4.94
N ALA A 12 -5.36 -7.57 5.68
CA ALA A 12 -5.51 -7.32 7.11
C ALA A 12 -6.44 -6.15 7.38
N SER A 13 -6.39 -5.13 6.52
N SER A 13 -6.41 -5.14 6.51
CA SER A 13 -7.28 -3.99 6.64
CA SER A 13 -7.30 -3.99 6.65
C SER A 13 -8.73 -4.40 6.41
C SER A 13 -8.75 -4.38 6.40
N PHE A 14 -9.01 -5.09 5.30
CA PHE A 14 -10.38 -5.58 5.07
C PHE A 14 -10.86 -6.47 6.22
N ARG A 15 -9.96 -7.31 6.76
CA ARG A 15 -10.36 -8.19 7.86
C ARG A 15 -10.84 -7.39 9.05
N ILE A 16 -10.15 -6.29 9.38
CA ILE A 16 -10.59 -5.44 10.48
C ILE A 16 -11.95 -4.84 10.17
N LEU A 17 -12.12 -4.33 8.94
CA LEU A 17 -13.40 -3.73 8.57
C LEU A 17 -14.52 -4.75 8.58
N ALA A 18 -14.20 -6.03 8.34
CA ALA A 18 -15.15 -7.14 8.40
C ALA A 18 -15.33 -7.68 9.82
N SER A 19 -14.80 -7.03 10.84
CA SER A 19 -14.89 -7.50 12.23
C SER A 19 -14.36 -8.91 12.38
N ASP A 20 -13.29 -9.23 11.65
CA ASP A 20 -12.55 -10.48 11.73
C ASP A 20 -13.33 -11.67 11.20
N LYS A 21 -14.43 -11.45 10.48
CA LYS A 21 -15.02 -12.52 9.70
C LYS A 21 -14.07 -12.86 8.54
N PRO A 22 -14.19 -14.07 7.99
CA PRO A 22 -13.36 -14.46 6.85
C PRO A 22 -13.85 -13.89 5.53
N TYR A 23 -14.96 -13.17 5.54
CA TYR A 23 -15.53 -12.52 4.37
C TYR A 23 -16.04 -11.16 4.83
N ILE A 24 -16.36 -10.31 3.86
CA ILE A 24 -16.96 -9.02 4.15
C ILE A 24 -18.29 -8.93 3.42
N LEU A 25 -19.18 -8.06 3.92
CA LEU A 25 -20.48 -7.86 3.34
C LEU A 25 -20.58 -6.49 2.69
N ALA A 26 -21.48 -6.38 1.70
CA ALA A 26 -21.67 -5.13 0.99
C ALA A 26 -21.97 -3.99 1.94
N GLU A 27 -22.80 -4.23 2.96
CA GLU A 27 -23.15 -3.16 3.90
C GLU A 27 -21.92 -2.66 4.65
N GLU A 28 -20.95 -3.54 4.88
CA GLU A 28 -19.73 -3.13 5.56
C GLU A 28 -18.84 -2.31 4.65
N LEU A 29 -18.76 -2.69 3.37
CA LEU A 29 -18.03 -1.87 2.40
C LEU A 29 -18.66 -0.48 2.25
N ARG A 30 -19.98 -0.41 2.13
CA ARG A 30 -20.63 0.90 2.00
C ARG A 30 -20.43 1.75 3.24
N ARG A 31 -20.36 1.10 4.39
CA ARG A 31 -20.17 1.79 5.65
C ARG A 31 -18.79 2.42 5.76
N GLU A 32 -17.77 1.78 5.18
CA GLU A 32 -16.38 2.12 5.47
C GLU A 32 -15.63 2.78 4.34
N LEU A 33 -15.98 2.48 3.08
CA LEU A 33 -15.21 2.98 1.95
C LEU A 33 -15.94 4.12 1.27
N PRO A 34 -15.23 4.99 0.57
CA PRO A 34 -15.89 5.99 -0.29
C PRO A 34 -16.84 5.29 -1.24
N PRO A 35 -17.97 5.90 -1.58
CA PRO A 35 -19.01 5.18 -2.34
C PRO A 35 -18.52 4.56 -3.64
N ASP A 36 -17.69 5.26 -4.43
CA ASP A 36 -17.22 4.66 -5.67
C ASP A 36 -16.37 3.42 -5.41
N GLN A 37 -15.53 3.47 -4.38
CA GLN A 37 -14.66 2.34 -4.07
C GLN A 37 -15.46 1.20 -3.47
N ALA A 38 -16.45 1.51 -2.63
CA ALA A 38 -17.32 0.48 -2.10
C ALA A 38 -18.02 -0.26 -3.23
N GLN A 39 -18.54 0.48 -4.21
CA GLN A 39 -19.27 -0.13 -5.32
C GLN A 39 -18.34 -1.00 -6.16
N TYR A 40 -17.11 -0.54 -6.40
CA TYR A 40 -16.14 -1.37 -7.10
C TYR A 40 -15.93 -2.70 -6.39
N CYS A 41 -15.74 -2.66 -5.07
CA CYS A 41 -15.52 -3.89 -4.32
C CYS A 41 -16.75 -4.79 -4.35
N ILE A 42 -17.94 -4.20 -4.20
CA ILE A 42 -19.17 -4.97 -4.22
C ILE A 42 -19.33 -5.69 -5.56
N LYS A 43 -18.92 -5.03 -6.65
CA LYS A 43 -19.07 -5.58 -7.99
C LYS A 43 -18.01 -6.64 -8.31
N ARG A 44 -16.80 -6.50 -7.75
CA ARG A 44 -15.65 -7.25 -8.23
C ARG A 44 -15.05 -8.24 -7.24
N MET A 45 -15.36 -8.16 -5.95
CA MET A 45 -14.86 -9.20 -5.05
C MET A 45 -15.52 -10.53 -5.42
N PRO A 46 -14.76 -11.61 -5.56
CA PRO A 46 -15.41 -12.91 -5.78
C PRO A 46 -16.20 -13.34 -4.56
N ALA A 47 -17.26 -14.11 -4.79
CA ALA A 47 -18.03 -14.64 -3.68
C ALA A 47 -17.13 -15.49 -2.79
N TYR A 48 -17.35 -15.39 -1.48
CA TYR A 48 -16.72 -16.29 -0.53
C TYR A 48 -17.61 -17.51 -0.33
N SER A 49 -17.03 -18.69 -0.54
CA SER A 49 -17.78 -19.94 -0.43
C SER A 49 -17.15 -20.92 0.56
N GLY A 50 -16.23 -20.44 1.41
CA GLY A 50 -15.60 -21.28 2.40
C GLY A 50 -16.45 -21.45 3.64
N PRO A 51 -15.86 -22.02 4.70
CA PRO A 51 -16.64 -22.29 5.91
C PRO A 51 -17.28 -21.02 6.47
N GLY A 52 -18.55 -21.15 6.86
CA GLY A 52 -19.28 -20.03 7.42
C GLY A 52 -19.87 -19.10 6.39
N SER A 53 -19.78 -19.45 5.11
N SER A 53 -19.83 -19.47 5.11
CA SER A 53 -20.31 -18.56 4.08
CA SER A 53 -20.28 -18.56 4.06
C SER A 53 -21.78 -18.29 4.31
C SER A 53 -21.80 -18.35 4.10
N VAL A 54 -22.20 -17.12 3.85
CA VAL A 54 -23.61 -16.71 3.86
C VAL A 54 -23.89 -16.05 2.51
N PRO A 55 -25.16 -15.92 2.16
CA PRO A 55 -25.50 -15.15 0.95
C PRO A 55 -24.88 -13.77 1.03
N GLY A 56 -24.23 -13.36 -0.06
CA GLY A 56 -23.59 -12.07 -0.12
C GLY A 56 -22.20 -11.99 0.47
N ALA A 57 -21.65 -13.09 0.99
CA ALA A 57 -20.30 -13.06 1.52
C ALA A 57 -19.29 -12.81 0.40
N LEU A 58 -18.40 -11.84 0.62
CA LEU A 58 -17.42 -11.41 -0.38
C LEU A 58 -16.02 -11.75 0.10
N ASP A 59 -15.21 -12.34 -0.81
CA ASP A 59 -13.87 -12.84 -0.51
C ASP A 59 -12.87 -11.70 -0.68
N TYR A 60 -12.68 -10.92 0.38
CA TYR A 60 -11.73 -9.81 0.33
C TYR A 60 -10.29 -10.30 0.16
N ALA A 61 -9.97 -11.49 0.63
CA ALA A 61 -8.61 -12.00 0.47
C ALA A 61 -8.29 -12.26 -0.99
N ALA A 62 -9.17 -12.98 -1.69
CA ALA A 62 -8.94 -13.24 -3.11
C ALA A 62 -8.90 -11.94 -3.90
N PHE A 63 -9.79 -11.00 -3.59
CA PHE A 63 -9.83 -9.72 -4.28
C PHE A 63 -8.50 -8.97 -4.11
N SER A 64 -7.99 -8.94 -2.88
CA SER A 64 -6.77 -8.17 -2.58
C SER A 64 -5.55 -8.81 -3.22
N SER A 65 -5.46 -10.14 -3.20
CA SER A 65 -4.31 -10.78 -3.82
C SER A 65 -4.33 -10.57 -5.33
N ALA A 66 -5.52 -10.57 -5.94
CA ALA A 66 -5.61 -10.33 -7.38
C ALA A 66 -5.22 -8.90 -7.72
N LEU A 67 -5.59 -7.94 -6.89
CA LEU A 67 -5.37 -6.54 -7.19
C LEU A 67 -3.95 -6.08 -6.85
N TYR A 68 -3.35 -6.62 -5.78
CA TYR A 68 -2.07 -6.13 -5.29
C TYR A 68 -1.00 -7.19 -5.16
N GLY A 69 -1.34 -8.48 -5.21
CA GLY A 69 -0.42 -9.53 -4.86
C GLY A 69 0.16 -10.24 -6.06
N GLU A 70 0.64 -11.45 -5.83
CA GLU A 70 1.33 -12.25 -6.85
C GLU A 70 0.25 -13.00 -7.63
N SER A 71 -0.41 -12.26 -8.52
CA SER A 71 -1.64 -12.70 -9.15
C SER A 71 -1.42 -13.52 -10.42
N ASP A 72 -0.21 -13.57 -10.96
CA ASP A 72 0.02 -14.24 -12.25
C ASP A 72 0.58 -15.65 -12.05
N LEU A 73 -0.16 -16.44 -11.28
CA LEU A 73 0.25 -17.80 -10.93
C LEU A 73 -0.82 -18.81 -11.31
N SER B 1 3.94 -4.46 -13.34
CA SER B 1 3.44 -5.49 -12.43
C SER B 1 2.81 -4.84 -11.21
N ASN B 2 2.10 -5.66 -10.42
CA ASN B 2 1.50 -5.16 -9.19
C ASN B 2 2.55 -4.57 -8.24
N ALA B 3 3.70 -5.23 -8.13
CA ALA B 3 4.76 -4.72 -7.25
C ALA B 3 5.27 -3.38 -7.73
N THR B 4 5.54 -3.27 -9.03
N THR B 4 5.56 -3.26 -9.03
CA THR B 4 6.02 -2.01 -9.60
CA THR B 4 6.04 -1.98 -9.55
C THR B 4 4.99 -0.89 -9.42
C THR B 4 4.99 -0.88 -9.43
N ASP B 5 3.71 -1.22 -9.57
CA ASP B 5 2.66 -0.21 -9.41
C ASP B 5 2.64 0.33 -7.98
N THR B 6 2.79 -0.54 -6.99
CA THR B 6 2.86 -0.07 -5.61
C THR B 6 4.11 0.77 -5.38
N ALA B 7 5.26 0.29 -5.84
CA ALA B 7 6.51 1.03 -5.66
C ALA B 7 6.41 2.42 -6.29
N GLU B 8 5.82 2.52 -7.47
CA GLU B 8 5.74 3.82 -8.12
C GLU B 8 4.79 4.76 -7.40
N GLN B 9 3.75 4.24 -6.74
CA GLN B 9 2.91 5.11 -5.93
C GLN B 9 3.68 5.64 -4.73
N VAL B 10 4.52 4.80 -4.12
CA VAL B 10 5.35 5.25 -3.01
C VAL B 10 6.37 6.28 -3.49
N ILE B 11 7.02 6.01 -4.63
CA ILE B 11 7.98 6.96 -5.20
C ILE B 11 7.34 8.32 -5.42
N ALA B 12 6.12 8.35 -5.99
CA ALA B 12 5.44 9.62 -6.23
C ALA B 12 5.22 10.39 -4.94
N SER B 13 4.96 9.68 -3.84
N SER B 13 4.96 9.67 -3.85
CA SER B 13 4.76 10.38 -2.58
CA SER B 13 4.76 10.33 -2.55
C SER B 13 6.08 10.93 -2.02
C SER B 13 6.07 10.92 -2.02
N PHE B 14 7.16 10.15 -2.07
CA PHE B 14 8.47 10.67 -1.68
C PHE B 14 8.84 11.88 -2.53
N ARG B 15 8.49 11.84 -3.81
CA ARG B 15 8.82 12.95 -4.70
C ARG B 15 8.15 14.24 -4.24
N ILE B 16 6.89 14.16 -3.80
CA ILE B 16 6.20 15.33 -3.26
C ILE B 16 6.86 15.80 -1.96
N LEU B 17 7.20 14.86 -1.06
CA LEU B 17 7.87 15.24 0.17
C LEU B 17 9.16 15.98 -0.15
N ALA B 18 9.85 15.55 -1.21
CA ALA B 18 11.10 16.15 -1.66
C ALA B 18 10.92 17.40 -2.51
N SER B 19 9.71 17.95 -2.57
CA SER B 19 9.42 19.14 -3.38
C SER B 19 9.81 18.94 -4.84
N ASP B 20 9.64 17.72 -5.34
CA ASP B 20 9.86 17.38 -6.75
C ASP B 20 11.33 17.37 -7.16
N LYS B 21 12.25 17.41 -6.21
CA LYS B 21 13.63 17.11 -6.51
C LYS B 21 13.74 15.62 -6.86
N PRO B 22 14.79 15.23 -7.59
CA PRO B 22 14.96 13.82 -7.94
C PRO B 22 15.53 12.98 -6.81
N TYR B 23 15.91 13.62 -5.71
CA TYR B 23 16.41 12.97 -4.51
C TYR B 23 15.74 13.64 -3.33
N ILE B 24 15.90 13.04 -2.14
CA ILE B 24 15.39 13.62 -0.90
C ILE B 24 16.54 13.80 0.07
N LEU B 25 16.35 14.69 1.04
CA LEU B 25 17.34 14.97 2.07
C LEU B 25 16.87 14.49 3.43
N ALA B 26 17.84 14.21 4.30
CA ALA B 26 17.52 13.68 5.62
C ALA B 26 16.60 14.62 6.39
N GLU B 27 16.87 15.92 6.32
CA GLU B 27 16.04 16.89 7.05
C GLU B 27 14.59 16.86 6.57
N GLU B 28 14.36 16.58 5.29
CA GLU B 28 12.99 16.47 4.80
C GLU B 28 12.32 15.22 5.34
N LEU B 29 13.06 14.11 5.40
CA LEU B 29 12.52 12.87 5.96
C LEU B 29 12.22 13.00 7.45
N ARG B 30 13.12 13.66 8.20
CA ARG B 30 12.88 13.83 9.64
C ARG B 30 11.66 14.69 9.90
N ARG B 31 11.40 15.68 9.04
CA ARG B 31 10.30 16.61 9.28
C ARG B 31 8.94 15.98 9.00
N GLU B 32 8.87 15.03 8.08
CA GLU B 32 7.59 14.53 7.60
C GLU B 32 7.29 13.08 7.94
N LEU B 33 8.27 12.31 8.43
CA LEU B 33 8.02 10.92 8.79
C LEU B 33 8.18 10.72 10.29
N PRO B 34 7.54 9.70 10.86
CA PRO B 34 7.80 9.36 12.26
C PRO B 34 9.27 9.07 12.46
N PRO B 35 9.81 9.37 13.64
CA PRO B 35 11.27 9.24 13.85
C PRO B 35 11.87 7.89 13.47
N ASP B 36 11.24 6.77 13.83
CA ASP B 36 11.81 5.48 13.48
C ASP B 36 11.76 5.25 11.97
N GLN B 37 10.71 5.74 11.30
CA GLN B 37 10.64 5.58 9.85
C GLN B 37 11.59 6.53 9.15
N ALA B 38 11.71 7.77 9.64
CA ALA B 38 12.66 8.72 9.06
C ALA B 38 14.09 8.22 9.21
N GLN B 39 14.43 7.68 10.38
CA GLN B 39 15.79 7.19 10.60
C GLN B 39 16.08 5.97 9.75
N TYR B 40 15.10 5.08 9.62
CA TYR B 40 15.23 3.95 8.69
C TYR B 40 15.53 4.45 7.28
N CYS B 41 14.74 5.40 6.78
CA CYS B 41 14.95 5.95 5.45
C CYS B 41 16.34 6.57 5.34
N ILE B 42 16.72 7.38 6.32
CA ILE B 42 18.01 8.06 6.26
C ILE B 42 19.15 7.06 6.19
N LYS B 43 19.03 5.92 6.88
CA LYS B 43 20.11 4.94 6.94
C LYS B 43 20.10 3.96 5.76
N ARG B 44 18.96 3.74 5.12
CA ARG B 44 18.84 2.70 4.11
C ARG B 44 18.69 3.20 2.68
N MET B 45 18.31 4.46 2.48
CA MET B 45 18.21 4.99 1.12
C MET B 45 19.61 5.08 0.52
N PRO B 46 19.82 4.55 -0.67
CA PRO B 46 21.13 4.69 -1.32
C PRO B 46 21.41 6.14 -1.68
N ALA B 47 22.69 6.45 -1.81
CA ALA B 47 23.06 7.78 -2.26
C ALA B 47 22.61 8.01 -3.70
N TYR B 48 22.07 9.20 -3.97
CA TYR B 48 21.71 9.62 -5.31
C TYR B 48 22.92 10.24 -5.99
N SER B 49 23.24 9.77 -7.19
CA SER B 49 24.41 10.20 -7.95
C SER B 49 24.05 10.73 -9.34
N GLY B 50 22.78 10.92 -9.62
CA GLY B 50 22.34 11.39 -10.91
C GLY B 50 22.50 12.89 -11.08
N PRO B 51 21.92 13.43 -12.15
CA PRO B 51 22.08 14.86 -12.42
C PRO B 51 21.57 15.71 -11.26
N GLY B 52 22.31 16.77 -10.96
CA GLY B 52 21.97 17.62 -9.85
C GLY B 52 22.24 17.03 -8.48
N SER B 53 23.01 15.95 -8.40
CA SER B 53 23.28 15.35 -7.10
C SER B 53 24.05 16.33 -6.22
N VAL B 54 23.79 16.24 -4.92
CA VAL B 54 24.48 17.05 -3.91
C VAL B 54 24.89 16.11 -2.79
N PRO B 55 25.83 16.53 -1.95
CA PRO B 55 26.14 15.74 -0.75
C PRO B 55 24.89 15.49 0.07
N GLY B 56 24.70 14.23 0.48
CA GLY B 56 23.55 13.85 1.27
C GLY B 56 22.31 13.52 0.46
N ALA B 57 22.35 13.62 -0.86
CA ALA B 57 21.19 13.31 -1.68
C ALA B 57 20.87 11.82 -1.59
N LEU B 58 19.61 11.52 -1.27
CA LEU B 58 19.16 10.16 -1.05
C LEU B 58 18.22 9.72 -2.17
N ASP B 59 18.42 8.50 -2.67
CA ASP B 59 17.70 7.97 -3.82
C ASP B 59 16.43 7.28 -3.33
N TYR B 60 15.36 8.05 -3.18
CA TYR B 60 14.09 7.49 -2.74
C TYR B 60 13.50 6.53 -3.76
N ALA B 61 13.79 6.72 -5.04
CA ALA B 61 13.26 5.81 -6.06
C ALA B 61 13.88 4.42 -5.94
N ALA B 62 15.21 4.35 -5.87
CA ALA B 62 15.87 3.06 -5.68
C ALA B 62 15.42 2.40 -4.39
N PHE B 63 15.32 3.18 -3.31
CA PHE B 63 14.89 2.67 -2.02
C PHE B 63 13.50 2.03 -2.12
N SER B 64 12.56 2.73 -2.77
CA SER B 64 11.18 2.29 -2.82
C SER B 64 11.04 1.05 -3.68
N SER B 65 11.75 0.99 -4.82
CA SER B 65 11.68 -0.17 -5.70
C SER B 65 12.22 -1.42 -5.02
N ALA B 66 13.26 -1.28 -4.21
CA ALA B 66 13.81 -2.44 -3.51
C ALA B 66 12.87 -2.92 -2.42
N LEU B 67 12.16 -2.00 -1.77
CA LEU B 67 11.29 -2.35 -0.67
C LEU B 67 9.97 -2.93 -1.17
N TYR B 68 9.37 -2.33 -2.21
CA TYR B 68 8.02 -2.66 -2.64
C TYR B 68 7.93 -3.23 -4.04
N GLY B 69 8.94 -3.05 -4.87
CA GLY B 69 8.86 -3.40 -6.28
C GLY B 69 9.36 -4.80 -6.55
N GLU B 70 9.83 -5.00 -7.78
CA GLU B 70 10.38 -6.29 -8.16
C GLU B 70 11.62 -6.61 -7.33
N ASN C 1 -4.48 2.40 -17.71
CA ASN C 1 -4.44 3.55 -16.80
C ASN C 1 -5.58 3.57 -15.82
N ALA C 2 -6.79 3.27 -16.30
CA ALA C 2 -7.96 3.34 -15.45
C ALA C 2 -7.85 2.42 -14.24
N ARG C 3 -7.40 1.18 -14.45
CA ARG C 3 -7.25 0.27 -13.32
C ARG C 3 -6.12 0.71 -12.40
N ARG C 4 -5.03 1.22 -12.97
CA ARG C 4 -3.93 1.70 -12.14
C ARG C 4 -4.36 2.84 -11.22
N LYS C 5 -5.14 3.79 -11.76
CA LYS C 5 -5.59 4.90 -10.92
C LYS C 5 -6.56 4.41 -9.84
N LEU C 6 -7.50 3.55 -10.22
CA LEU C 6 -8.48 3.07 -9.25
C LEU C 6 -7.82 2.28 -8.14
N LYS C 7 -6.87 1.41 -8.47
CA LYS C 7 -6.29 0.59 -7.42
C LYS C 7 -5.37 1.41 -6.51
N GLY C 8 -4.76 2.48 -7.03
CA GLY C 8 -3.98 3.34 -6.16
C GLY C 8 -4.84 4.06 -5.13
N ALA C 9 -6.03 4.50 -5.54
CA ALA C 9 -6.94 5.14 -4.60
C ALA C 9 -7.43 4.15 -3.55
N ILE C 10 -7.75 2.93 -3.95
CA ILE C 10 -8.17 1.92 -2.97
C ILE C 10 -7.04 1.60 -2.00
N LEU C 11 -5.80 1.54 -2.50
CA LEU C 11 -4.67 1.26 -1.63
C LEU C 11 -4.51 2.34 -0.57
N THR C 12 -4.65 3.61 -0.97
CA THR C 12 -4.65 4.70 0.00
C THR C 12 -5.75 4.51 1.04
N THR C 13 -6.98 4.21 0.61
CA THR C 13 -8.05 4.01 1.57
C THR C 13 -7.73 2.88 2.54
N MET C 14 -7.27 1.74 2.01
CA MET C 14 -7.14 0.57 2.87
C MET C 14 -5.96 0.68 3.82
N LEU C 15 -4.87 1.33 3.41
CA LEU C 15 -3.65 1.34 4.21
C LEU C 15 -3.35 2.67 4.89
N ALA C 16 -3.95 3.77 4.43
CA ALA C 16 -3.51 5.08 4.88
C ALA C 16 -4.66 5.98 5.29
N THR C 17 -5.78 5.40 5.74
CA THR C 17 -6.85 6.20 6.35
C THR C 17 -7.18 5.86 7.78
N ARG C 18 -6.83 4.65 8.26
CA ARG C 18 -7.03 4.28 9.66
C ARG C 18 -5.67 3.96 10.28
N ASN C 19 -5.58 4.11 11.59
CA ASN C 19 -4.40 3.71 12.35
C ASN C 19 -4.45 2.20 12.66
N PHE C 20 -4.34 1.42 11.60
CA PHE C 20 -4.29 -0.04 11.71
C PHE C 20 -2.86 -0.49 12.02
N ASN D 1 9.08 -10.84 9.87
CA ASN D 1 7.94 -10.10 10.39
C ASN D 1 8.26 -8.63 10.67
N ALA D 2 9.44 -8.37 11.24
CA ALA D 2 9.79 -7.00 11.58
C ALA D 2 9.87 -6.12 10.34
N ARG D 3 10.54 -6.60 9.28
CA ARG D 3 10.59 -5.85 8.03
C ARG D 3 9.20 -5.69 7.43
N ARG D 4 8.36 -6.73 7.50
CA ARG D 4 7.02 -6.61 6.97
C ARG D 4 6.22 -5.55 7.71
N LYS D 5 6.34 -5.50 9.05
CA LYS D 5 5.62 -4.50 9.82
C LYS D 5 6.12 -3.09 9.50
N LEU D 6 7.44 -2.94 9.40
CA LEU D 6 8.02 -1.64 9.06
C LEU D 6 7.62 -1.20 7.65
N LYS D 7 7.68 -2.13 6.68
CA LYS D 7 7.23 -1.83 5.33
C LYS D 7 5.79 -1.39 5.33
N GLY D 8 4.96 -2.06 6.11
CA GLY D 8 3.57 -1.65 6.20
C GLY D 8 3.42 -0.27 6.79
N ALA D 9 4.19 0.03 7.83
CA ALA D 9 4.10 1.33 8.46
C ALA D 9 4.51 2.44 7.50
N ILE D 10 5.56 2.20 6.71
CA ILE D 10 5.98 3.20 5.73
C ILE D 10 4.90 3.42 4.67
N LEU D 11 4.20 2.37 4.23
CA LEU D 11 3.07 2.55 3.30
C LEU D 11 1.98 3.40 3.90
N THR D 12 1.61 3.11 5.15
CA THR D 12 0.58 3.88 5.81
C THR D 12 0.96 5.35 5.87
N THR D 13 2.24 5.65 6.14
CA THR D 13 2.69 7.03 6.15
C THR D 13 2.67 7.63 4.74
N MET D 14 3.27 6.94 3.78
CA MET D 14 3.53 7.57 2.49
C MET D 14 2.29 7.65 1.62
N LEU D 15 1.36 6.70 1.76
CA LEU D 15 0.19 6.71 0.88
C LEU D 15 -0.94 7.58 1.39
N ALA D 16 -0.74 8.28 2.50
CA ALA D 16 -1.80 9.11 3.06
C ALA D 16 -2.12 10.27 2.13
N THR D 17 -3.39 10.65 2.10
CA THR D 17 -3.84 11.79 1.29
C THR D 17 -3.24 13.08 1.80
C ACE E . -4.44 1.15 -17.24
O ACE E . -4.37 0.90 -16.02
CH3 ACE E . -4.48 0.08 -18.29
C ACE F . 9.67 -10.52 8.72
O ACE F . 9.30 -9.58 8.02
CH3 ACE F . 10.84 -11.38 8.32
#